data_5D74
#
_entry.id   5D74
#
_cell.length_a   70.009
_cell.length_b   97.701
_cell.length_c   174.668
_cell.angle_alpha   90.00
_cell.angle_beta   90.00
_cell.angle_gamma   90.00
#
_symmetry.space_group_name_H-M   'C 2 2 21'
#
loop_
_entity.id
_entity.type
_entity.pdbx_description
1 polymer 'Putative phage lysin'
2 non-polymer 'CHLORIDE ION'
3 non-polymer 'SODIUM ION'
4 water water
#
_entity_poly.entity_id   1
_entity_poly.type   'polypeptide(L)'
_entity_poly.pdbx_seq_one_letter_code
;MGSHHHHHHHHGSDYDIPTTENLYFNGSMTTVNEALNNVRAQVGSGVSVGNGECYALASWYERMISPDATVGLGAGVGWV
SGATGDTISAKNIGSSYNWQANGWTVSTSGPFQAGQIVTLGATSGNPYGHVVIVEAVDGDRLTILEQNYGGKRYPTRNYY
SAASYRQQVVHYITPPGTVTQTAPTSAGARTYRETGTMSVTVDAINIRRAPNTSGQIVATYKRGESFDYDTVIIDTNGYV
WVSYIGSSGIRNYVATGATKDGKRYGDAWGTFK
;
_entity_poly.pdbx_strand_id   A,B
#
# COMPACT_ATOMS: atom_id res chain seq x y z
N THR A 30 -16.44 -15.29 5.27
CA THR A 30 -15.08 -15.52 5.77
C THR A 30 -14.43 -14.23 6.25
N THR A 31 -13.99 -14.22 7.51
CA THR A 31 -13.34 -13.06 8.09
C THR A 31 -11.83 -13.11 7.82
N VAL A 32 -11.14 -12.01 8.11
CA VAL A 32 -9.68 -12.00 8.01
C VAL A 32 -9.10 -13.08 8.93
N ASN A 33 -9.63 -13.16 10.16
CA ASN A 33 -9.17 -14.16 11.11
C ASN A 33 -9.30 -15.59 10.58
N GLU A 34 -10.42 -15.89 9.93
CA GLU A 34 -10.64 -17.23 9.39
CA GLU A 34 -10.64 -17.22 9.37
C GLU A 34 -9.66 -17.51 8.23
N ALA A 35 -9.48 -16.52 7.36
CA ALA A 35 -8.52 -16.70 6.25
C ALA A 35 -7.12 -16.91 6.83
N LEU A 36 -6.78 -16.10 7.82
CA LEU A 36 -5.49 -16.21 8.48
C LEU A 36 -5.31 -17.56 9.14
N ASN A 37 -6.35 -18.04 9.82
CA ASN A 37 -6.29 -19.37 10.40
C ASN A 37 -6.05 -20.42 9.33
N ASN A 38 -6.66 -20.24 8.17
CA ASN A 38 -6.44 -21.19 7.08
C ASN A 38 -4.97 -21.21 6.64
N VAL A 39 -4.35 -20.03 6.54
CA VAL A 39 -2.93 -19.99 6.18
C VAL A 39 -2.09 -20.63 7.31
N ARG A 40 -2.39 -20.33 8.56
CA ARG A 40 -1.67 -20.93 9.69
CA ARG A 40 -1.67 -20.93 9.67
C ARG A 40 -1.67 -22.45 9.56
N ALA A 41 -2.80 -23.02 9.13
CA ALA A 41 -2.94 -24.48 9.09
C ALA A 41 -2.12 -25.12 7.97
N GLN A 42 -1.54 -24.30 7.10
CA GLN A 42 -0.62 -24.81 6.09
C GLN A 42 0.77 -25.13 6.65
N VAL A 43 1.10 -24.54 7.79
CA VAL A 43 2.42 -24.68 8.38
C VAL A 43 2.67 -26.12 8.80
N GLY A 44 3.77 -26.70 8.32
CA GLY A 44 4.14 -28.06 8.69
C GLY A 44 3.75 -29.08 7.64
N SER A 45 2.97 -28.65 6.66
CA SER A 45 2.51 -29.57 5.65
C SER A 45 3.65 -29.97 4.73
N GLY A 46 4.57 -29.04 4.47
CA GLY A 46 5.69 -29.29 3.58
C GLY A 46 5.29 -29.38 2.13
N VAL A 47 4.06 -28.95 1.87
CA VAL A 47 3.45 -29.05 0.54
C VAL A 47 3.11 -27.66 0.02
N SER A 48 3.58 -27.36 -1.19
CA SER A 48 3.36 -26.04 -1.81
C SER A 48 1.89 -25.71 -2.00
N VAL A 49 1.52 -24.49 -1.66
CA VAL A 49 0.26 -23.92 -2.08
C VAL A 49 0.41 -23.43 -3.51
N GLY A 50 -0.59 -23.68 -4.36
CA GLY A 50 -0.52 -23.30 -5.76
C GLY A 50 0.76 -23.78 -6.40
N ASN A 51 1.34 -22.96 -7.26
CA ASN A 51 2.56 -23.31 -7.99
C ASN A 51 3.86 -23.16 -7.19
N GLY A 52 3.77 -22.94 -5.89
CA GLY A 52 4.95 -22.86 -5.04
C GLY A 52 5.64 -21.50 -4.89
N GLU A 53 5.21 -20.49 -5.64
CA GLU A 53 5.83 -19.17 -5.55
C GLU A 53 5.35 -18.43 -4.30
N CYS A 54 6.07 -17.38 -3.90
CA CYS A 54 5.70 -16.63 -2.72
C CYS A 54 4.30 -16.06 -2.89
N TYR A 55 4.02 -15.58 -4.11
CA TYR A 55 2.76 -14.87 -4.34
C TYR A 55 1.56 -15.82 -4.41
N ALA A 56 1.81 -17.11 -4.61
CA ALA A 56 0.69 -18.07 -4.65
C ALA A 56 0.03 -18.16 -3.28
N LEU A 57 0.82 -18.03 -2.23
CA LEU A 57 0.27 -18.06 -0.88
C LEU A 57 -0.57 -16.80 -0.64
N ALA A 58 -0.05 -15.66 -1.09
CA ALA A 58 -0.75 -14.38 -0.93
C ALA A 58 -2.01 -14.35 -1.77
N SER A 59 -1.94 -14.94 -2.96
CA SER A 59 -3.09 -14.99 -3.85
C SER A 59 -4.25 -15.81 -3.26
N TRP A 60 -3.91 -16.94 -2.67
CA TRP A 60 -4.88 -17.81 -2.03
C TRP A 60 -5.49 -17.08 -0.83
N TYR A 61 -4.63 -16.46 -0.05
CA TYR A 61 -5.08 -15.69 1.12
C TYR A 61 -6.03 -14.55 0.71
N GLU A 62 -5.67 -13.81 -0.33
CA GLU A 62 -6.52 -12.72 -0.76
C GLU A 62 -7.86 -13.25 -1.23
N ARG A 63 -7.82 -14.38 -1.92
CA ARG A 63 -9.04 -14.94 -2.50
C ARG A 63 -10.03 -15.34 -1.41
N MET A 64 -9.51 -15.85 -0.29
CA MET A 64 -10.36 -16.21 0.84
C MET A 64 -11.05 -14.99 1.45
N ILE A 65 -10.40 -13.84 1.40
CA ILE A 65 -10.96 -12.63 1.98
C ILE A 65 -11.86 -11.90 0.97
N SER A 66 -11.48 -11.94 -0.31
CA SER A 66 -12.24 -11.28 -1.37
C SER A 66 -12.57 -12.26 -2.51
N PRO A 67 -13.42 -13.25 -2.21
CA PRO A 67 -13.64 -14.36 -3.15
C PRO A 67 -14.34 -13.93 -4.42
N ASP A 68 -15.06 -12.80 -4.38
CA ASP A 68 -15.84 -12.37 -5.54
C ASP A 68 -15.23 -11.21 -6.33
N ALA A 69 -14.03 -10.78 -5.96
CA ALA A 69 -13.30 -9.77 -6.72
C ALA A 69 -13.14 -10.20 -8.17
N THR A 70 -13.25 -9.24 -9.10
CA THR A 70 -12.99 -9.51 -10.51
C THR A 70 -11.66 -8.95 -10.97
N VAL A 71 -11.09 -8.02 -10.22
CA VAL A 71 -9.71 -7.62 -10.47
C VAL A 71 -8.86 -7.89 -9.23
N GLY A 72 -7.56 -8.03 -9.42
CA GLY A 72 -6.65 -8.16 -8.31
C GLY A 72 -5.83 -9.43 -8.44
N LEU A 73 -4.87 -9.59 -7.53
CA LEU A 73 -3.96 -10.73 -7.56
C LEU A 73 -4.74 -12.05 -7.46
N GLY A 74 -5.65 -12.14 -6.51
CA GLY A 74 -6.42 -13.36 -6.30
C GLY A 74 -7.30 -13.68 -7.50
N ALA A 75 -7.76 -12.64 -8.17
CA ALA A 75 -8.64 -12.80 -9.32
C ALA A 75 -7.84 -13.02 -10.59
N GLY A 76 -6.51 -12.88 -10.48
CA GLY A 76 -5.63 -13.09 -11.61
C GLY A 76 -5.71 -12.02 -12.70
N VAL A 77 -6.13 -10.81 -12.31
CA VAL A 77 -6.21 -9.68 -13.24
C VAL A 77 -5.44 -8.48 -12.67
N GLY A 78 -4.34 -8.12 -13.32
CA GLY A 78 -3.54 -6.98 -12.90
C GLY A 78 -3.43 -5.95 -14.01
N TRP A 79 -2.76 -4.83 -13.72
CA TRP A 79 -2.48 -3.86 -14.77
C TRP A 79 -1.32 -4.37 -15.60
N VAL A 80 -1.59 -4.55 -16.89
CA VAL A 80 -0.59 -5.08 -17.81
C VAL A 80 0.60 -4.11 -17.86
N SER A 81 0.32 -2.83 -17.64
CA SER A 81 1.37 -1.82 -17.64
C SER A 81 2.35 -1.98 -16.48
N GLY A 82 1.92 -2.65 -15.41
CA GLY A 82 2.73 -2.69 -14.20
C GLY A 82 3.73 -3.83 -14.19
N ALA A 83 3.70 -4.64 -15.24
CA ALA A 83 4.55 -5.82 -15.30
C ALA A 83 5.31 -5.93 -16.62
N THR A 84 6.30 -6.81 -16.65
CA THR A 84 7.15 -6.97 -17.81
C THR A 84 7.29 -8.46 -18.16
N GLY A 85 7.17 -8.79 -19.43
CA GLY A 85 7.27 -10.19 -19.85
C GLY A 85 6.11 -11.07 -19.41
N ASP A 86 4.96 -10.45 -19.14
CA ASP A 86 3.79 -11.14 -18.59
C ASP A 86 4.20 -12.03 -17.40
N THR A 87 5.06 -11.51 -16.54
CA THR A 87 5.42 -12.21 -15.30
C THR A 87 4.98 -11.43 -14.06
N ILE A 88 4.74 -12.15 -12.97
CA ILE A 88 4.42 -11.54 -11.68
C ILE A 88 5.69 -11.24 -10.95
N SER A 89 5.83 -10.01 -10.49
CA SER A 89 6.99 -9.61 -9.71
C SER A 89 6.55 -9.21 -8.29
N ALA A 90 6.98 -9.99 -7.28
CA ALA A 90 6.46 -9.80 -5.91
C ALA A 90 6.61 -8.37 -5.37
N LYS A 91 7.75 -7.74 -5.61
CA LYS A 91 7.99 -6.38 -5.12
C LYS A 91 7.03 -5.33 -5.69
N ASN A 92 6.38 -5.65 -6.81
CA ASN A 92 5.48 -4.73 -7.47
C ASN A 92 4.01 -5.05 -7.23
N ILE A 93 3.73 -6.04 -6.40
CA ILE A 93 2.36 -6.47 -6.21
C ILE A 93 1.43 -5.38 -5.67
N GLY A 94 1.98 -4.49 -4.85
CA GLY A 94 1.18 -3.38 -4.35
C GLY A 94 0.79 -2.35 -5.41
N SER A 95 1.54 -2.28 -6.51
CA SER A 95 1.25 -1.31 -7.58
C SER A 95 0.77 -1.94 -8.90
N SER A 96 0.87 -3.26 -9.02
CA SER A 96 0.44 -3.95 -10.24
C SER A 96 -1.00 -4.42 -10.18
N TYR A 97 -1.58 -4.42 -8.98
CA TYR A 97 -2.96 -4.89 -8.80
C TYR A 97 -3.81 -3.84 -8.13
N ASN A 98 -5.09 -3.83 -8.47
CA ASN A 98 -5.99 -2.80 -7.98
C ASN A 98 -6.60 -3.14 -6.63
N TRP A 99 -5.79 -3.04 -5.58
CA TRP A 99 -6.22 -3.46 -4.26
C TRP A 99 -7.41 -2.68 -3.73
N GLN A 100 -7.45 -1.36 -3.91
CA GLN A 100 -8.54 -0.64 -3.27
CA GLN A 100 -8.53 -0.58 -3.31
C GLN A 100 -9.87 -0.84 -4.00
N ALA A 101 -9.84 -1.41 -5.21
CA ALA A 101 -11.07 -1.82 -5.87
C ALA A 101 -11.84 -2.82 -5.02
N ASN A 102 -11.14 -3.58 -4.20
CA ASN A 102 -11.76 -4.60 -3.36
C ASN A 102 -11.77 -4.23 -1.88
N GLY A 103 -11.51 -2.96 -1.59
CA GLY A 103 -11.63 -2.46 -0.24
C GLY A 103 -10.38 -2.60 0.60
N TRP A 104 -9.32 -3.14 0.01
CA TRP A 104 -8.03 -3.23 0.68
C TRP A 104 -7.39 -1.85 0.66
N THR A 105 -6.46 -1.59 1.56
CA THR A 105 -5.73 -0.33 1.49
C THR A 105 -4.26 -0.59 1.42
N VAL A 106 -3.54 0.34 0.79
CA VAL A 106 -2.12 0.17 0.57
C VAL A 106 -1.41 1.35 1.20
N SER A 107 -0.27 1.08 1.82
CA SER A 107 0.53 2.14 2.41
C SER A 107 2.00 1.81 2.25
N THR A 108 2.85 2.83 2.31
CA THR A 108 4.29 2.59 2.35
C THR A 108 4.77 2.64 3.80
N SER A 109 3.86 2.95 4.71
CA SER A 109 4.18 3.03 6.13
C SER A 109 3.38 2.02 6.96
N GLY A 110 3.97 1.59 8.06
CA GLY A 110 3.32 0.69 9.00
C GLY A 110 2.35 1.38 9.94
N PRO A 111 2.18 0.83 11.15
CA PRO A 111 2.92 -0.32 11.67
C PRO A 111 2.43 -1.63 11.08
N PHE A 112 3.14 -2.70 11.37
CA PHE A 112 2.68 -4.02 10.93
C PHE A 112 1.41 -4.35 11.70
N GLN A 113 0.49 -5.10 11.05
CA GLN A 113 -0.71 -5.62 11.72
C GLN A 113 -0.99 -7.03 11.25
N ALA A 114 -1.50 -7.86 12.14
CA ALA A 114 -2.01 -9.16 11.78
C ALA A 114 -2.97 -9.05 10.60
N GLY A 115 -2.74 -9.84 9.55
CA GLY A 115 -3.66 -9.88 8.42
C GLY A 115 -3.16 -9.15 7.19
N GLN A 116 -2.13 -8.33 7.33
CA GLN A 116 -1.56 -7.62 6.20
C GLN A 116 -0.84 -8.55 5.25
N ILE A 117 -0.88 -8.21 3.96
CA ILE A 117 0.06 -8.72 2.98
C ILE A 117 1.16 -7.68 2.91
N VAL A 118 2.40 -8.13 2.91
CA VAL A 118 3.54 -7.21 2.90
C VAL A 118 4.48 -7.58 1.78
N THR A 119 4.83 -6.61 0.94
CA THR A 119 5.80 -6.89 -0.11
C THR A 119 7.16 -6.35 0.24
N LEU A 120 8.21 -7.03 -0.25
CA LEU A 120 9.59 -6.70 0.09
C LEU A 120 10.40 -6.42 -1.17
N GLY A 121 11.36 -5.51 -1.07
CA GLY A 121 12.17 -5.11 -2.22
C GLY A 121 13.07 -6.20 -2.79
N ALA A 122 13.62 -5.95 -3.98
CA ALA A 122 14.52 -6.90 -4.62
C ALA A 122 15.82 -7.01 -3.84
N THR A 123 16.49 -8.16 -3.95
CA THR A 123 17.82 -8.32 -3.39
C THR A 123 18.69 -9.10 -4.35
N SER A 124 19.97 -9.25 -3.99
CA SER A 124 20.89 -10.10 -4.73
C SER A 124 20.31 -11.51 -4.85
N GLY A 125 20.23 -12.00 -6.08
CA GLY A 125 19.64 -13.31 -6.33
C GLY A 125 18.25 -13.25 -6.93
N ASN A 126 17.37 -12.42 -6.36
CA ASN A 126 16.00 -12.34 -6.84
C ASN A 126 15.55 -10.92 -7.20
N PRO A 127 15.60 -10.60 -8.51
CA PRO A 127 15.12 -9.31 -9.01
C PRO A 127 13.63 -9.08 -8.73
N TYR A 128 12.89 -10.11 -8.35
CA TYR A 128 11.45 -9.93 -8.14
C TYR A 128 11.06 -9.64 -6.67
N GLY A 129 11.98 -9.69 -5.72
CA GLY A 129 11.65 -9.42 -4.33
C GLY A 129 10.82 -10.54 -3.69
N HIS A 130 9.89 -10.21 -2.79
CA HIS A 130 9.22 -11.24 -2.00
C HIS A 130 7.87 -10.70 -1.51
N VAL A 131 6.99 -11.59 -1.07
CA VAL A 131 5.72 -11.16 -0.49
C VAL A 131 5.31 -12.16 0.58
N VAL A 132 4.77 -11.65 1.68
CA VAL A 132 4.47 -12.49 2.82
C VAL A 132 3.15 -12.07 3.41
N ILE A 133 2.74 -12.80 4.44
CA ILE A 133 1.54 -12.50 5.21
C ILE A 133 1.94 -12.31 6.67
N VAL A 134 1.47 -11.23 7.29
CA VAL A 134 1.71 -10.97 8.73
C VAL A 134 0.70 -11.76 9.57
N GLU A 135 1.19 -12.72 10.35
CA GLU A 135 0.32 -13.50 11.24
C GLU A 135 0.09 -12.80 12.58
N ALA A 136 1.12 -12.17 13.13
CA ALA A 136 1.02 -11.58 14.46
C ALA A 136 2.15 -10.61 14.73
N VAL A 137 1.90 -9.72 15.68
CA VAL A 137 2.91 -8.76 16.13
C VAL A 137 2.97 -8.85 17.66
N ASP A 138 4.17 -9.03 18.20
CA ASP A 138 4.35 -9.12 19.65
C ASP A 138 5.58 -8.32 19.99
N GLY A 139 5.35 -7.11 20.48
CA GLY A 139 6.43 -6.19 20.72
C GLY A 139 7.11 -5.84 19.41
N ASP A 140 8.39 -6.20 19.31
CA ASP A 140 9.12 -5.96 18.09
C ASP A 140 9.10 -7.23 17.24
N ARG A 141 8.45 -8.29 17.73
CA ARG A 141 8.51 -9.55 17.01
C ARG A 141 7.36 -9.67 16.01
N LEU A 142 7.72 -9.86 14.75
CA LEU A 142 6.76 -10.22 13.71
C LEU A 142 6.69 -11.71 13.53
N THR A 143 5.48 -12.27 13.48
CA THR A 143 5.29 -13.64 13.04
C THR A 143 4.86 -13.61 11.58
N ILE A 144 5.64 -14.24 10.72
CA ILE A 144 5.44 -14.11 9.28
C ILE A 144 5.15 -15.48 8.66
N LEU A 145 4.12 -15.52 7.83
CA LEU A 145 3.78 -16.70 7.05
C LEU A 145 4.20 -16.47 5.61
N GLU A 146 4.95 -17.41 5.04
CA GLU A 146 5.51 -17.19 3.73
C GLU A 146 5.81 -18.50 3.04
N GLN A 147 5.95 -18.42 1.73
CA GLN A 147 6.29 -19.57 0.91
C GLN A 147 7.48 -19.21 0.03
N ASN A 148 8.35 -20.19 -0.20
CA ASN A 148 9.52 -20.03 -1.06
C ASN A 148 10.43 -18.92 -0.58
N TYR A 149 10.73 -18.90 0.70
CA TYR A 149 11.60 -17.87 1.22
C TYR A 149 13.07 -18.27 1.06
N GLY A 150 13.41 -19.47 1.51
CA GLY A 150 14.78 -19.94 1.41
C GLY A 150 14.87 -21.20 0.57
N GLY A 151 14.30 -21.14 -0.63
CA GLY A 151 14.20 -22.31 -1.48
C GLY A 151 13.12 -23.28 -1.02
N LYS A 152 12.70 -23.14 0.24
CA LYS A 152 11.66 -23.98 0.83
C LYS A 152 10.31 -23.61 0.23
N ARG A 153 9.96 -24.27 -0.87
CA ARG A 153 8.78 -23.90 -1.63
C ARG A 153 7.47 -24.37 -0.99
N TYR A 154 7.39 -24.26 0.33
CA TYR A 154 6.15 -24.59 1.02
C TYR A 154 5.94 -23.62 2.17
N PRO A 155 4.68 -23.45 2.61
CA PRO A 155 4.39 -22.45 3.64
C PRO A 155 5.14 -22.66 4.94
N THR A 156 5.87 -21.65 5.41
CA THR A 156 6.54 -21.73 6.69
C THR A 156 6.21 -20.53 7.56
N ARG A 157 6.43 -20.71 8.86
CA ARG A 157 6.29 -19.62 9.79
C ARG A 157 7.68 -19.18 10.27
N ASN A 158 7.99 -17.90 10.13
CA ASN A 158 9.28 -17.38 10.56
C ASN A 158 9.10 -16.14 11.37
N TYR A 159 10.04 -15.90 12.27
CA TYR A 159 10.00 -14.71 13.10
C TYR A 159 11.05 -13.68 12.63
N TYR A 160 10.67 -12.40 12.69
CA TYR A 160 11.56 -11.30 12.34
C TYR A 160 11.42 -10.13 13.27
N SER A 161 12.45 -9.29 13.34
CA SER A 161 12.39 -8.03 14.06
C SER A 161 11.74 -6.97 13.19
N ALA A 162 10.68 -6.33 13.69
CA ALA A 162 9.97 -5.31 12.91
C ALA A 162 10.88 -4.13 12.54
N ALA A 163 11.73 -3.73 13.48
CA ALA A 163 12.66 -2.63 13.25
C ALA A 163 13.64 -2.93 12.12
N SER A 164 13.99 -4.20 11.96
CA SER A 164 14.83 -4.62 10.84
C SER A 164 14.00 -4.82 9.58
N TYR A 165 12.88 -5.53 9.72
CA TYR A 165 12.06 -5.96 8.58
C TYR A 165 11.52 -4.77 7.78
N ARG A 166 11.08 -3.73 8.49
CA ARG A 166 10.46 -2.55 7.87
C ARG A 166 11.36 -1.86 6.85
N GLN A 167 12.67 -2.05 6.99
CA GLN A 167 13.63 -1.45 6.08
C GLN A 167 13.60 -2.05 4.67
N GLN A 168 13.02 -3.25 4.51
CA GLN A 168 12.94 -3.88 3.19
CA GLN A 168 12.96 -3.84 3.18
C GLN A 168 11.54 -3.79 2.61
N VAL A 169 10.60 -3.33 3.40
CA VAL A 169 9.20 -3.31 2.97
C VAL A 169 8.97 -2.32 1.84
N VAL A 170 8.29 -2.78 0.78
CA VAL A 170 7.77 -1.86 -0.25
C VAL A 170 6.36 -1.38 0.15
N HIS A 171 5.40 -2.30 0.18
CA HIS A 171 4.04 -1.94 0.55
C HIS A 171 3.48 -2.74 1.71
N TYR A 172 2.71 -2.06 2.55
CA TYR A 172 1.84 -2.71 3.52
C TYR A 172 0.44 -2.74 2.91
N ILE A 173 -0.12 -3.93 2.75
CA ILE A 173 -1.43 -4.10 2.11
C ILE A 173 -2.46 -4.66 3.09
N THR A 174 -3.43 -3.85 3.46
CA THR A 174 -4.31 -4.18 4.59
C THR A 174 -5.70 -4.55 4.11
N PRO A 175 -6.24 -5.69 4.59
CA PRO A 175 -7.55 -6.16 4.13
C PRO A 175 -8.67 -5.24 4.60
N PRO A 176 -9.87 -5.33 3.98
CA PRO A 176 -10.97 -4.52 4.50
C PRO A 176 -11.44 -5.01 5.87
N ALA A 189 -19.65 -24.04 -0.06
CA ALA A 189 -18.85 -25.26 -0.13
C ALA A 189 -19.61 -26.35 -0.87
N ARG A 190 -18.90 -27.04 -1.77
CA ARG A 190 -19.47 -28.14 -2.55
C ARG A 190 -19.29 -29.46 -1.83
N THR A 191 -20.38 -30.13 -1.51
CA THR A 191 -20.31 -31.36 -0.73
C THR A 191 -20.97 -32.54 -1.43
N TYR A 192 -20.35 -33.71 -1.32
CA TYR A 192 -20.91 -34.93 -1.91
C TYR A 192 -20.46 -36.18 -1.18
N ARG A 193 -21.28 -37.23 -1.27
CA ARG A 193 -20.94 -38.52 -0.68
C ARG A 193 -19.89 -39.24 -1.51
N GLU A 194 -18.98 -39.92 -0.83
CA GLU A 194 -17.96 -40.70 -1.51
C GLU A 194 -17.34 -41.63 -0.50
N THR A 195 -17.33 -42.92 -0.78
CA THR A 195 -16.73 -43.86 0.16
C THR A 195 -15.32 -44.15 -0.26
N GLY A 196 -14.37 -43.56 0.43
CA GLY A 196 -12.98 -43.67 0.06
C GLY A 196 -12.11 -43.90 1.25
N THR A 197 -10.84 -44.16 0.96
CA THR A 197 -9.82 -44.36 1.95
C THR A 197 -8.68 -43.41 1.62
N MET A 198 -8.23 -42.64 2.61
CA MET A 198 -7.13 -41.72 2.42
C MET A 198 -5.87 -42.29 3.02
N SER A 199 -4.79 -42.21 2.26
CA SER A 199 -3.49 -42.56 2.79
C SER A 199 -2.66 -41.28 2.88
N VAL A 200 -2.26 -40.93 4.10
CA VAL A 200 -1.61 -39.67 4.42
C VAL A 200 -0.15 -39.62 3.97
N THR A 201 0.24 -38.55 3.28
CA THR A 201 1.61 -38.40 2.78
C THR A 201 2.31 -37.14 3.30
N VAL A 202 1.84 -36.62 4.42
CA VAL A 202 2.50 -35.53 5.13
C VAL A 202 2.76 -36.00 6.54
N ASP A 203 3.54 -35.25 7.32
CA ASP A 203 3.95 -35.70 8.65
C ASP A 203 2.77 -36.03 9.55
N ALA A 204 1.82 -35.10 9.62
CA ALA A 204 0.60 -35.32 10.39
C ALA A 204 -0.48 -34.33 9.98
N ILE A 205 -1.73 -34.78 9.99
CA ILE A 205 -2.88 -33.91 9.79
C ILE A 205 -3.80 -33.93 11.01
N ASN A 206 -4.23 -32.75 11.45
CA ASN A 206 -5.20 -32.67 12.54
C ASN A 206 -6.56 -33.27 12.18
N ILE A 207 -7.17 -33.97 13.13
CA ILE A 207 -8.57 -34.36 13.03
C ILE A 207 -9.45 -33.36 13.77
N ARG A 208 -10.51 -32.86 13.14
CA ARG A 208 -11.33 -31.83 13.77
C ARG A 208 -12.83 -32.17 13.84
N ARG A 209 -13.54 -31.48 14.74
CA ARG A 209 -14.98 -31.70 14.92
C ARG A 209 -15.81 -30.87 13.97
N ALA A 210 -15.16 -30.00 13.19
CA ALA A 210 -15.84 -29.18 12.21
C ALA A 210 -14.86 -28.91 11.06
N PRO A 211 -15.40 -28.64 9.87
CA PRO A 211 -14.53 -28.35 8.71
C PRO A 211 -14.11 -26.88 8.66
N ASN A 212 -13.42 -26.45 9.69
CA ASN A 212 -12.73 -25.18 9.66
C ASN A 212 -11.49 -25.28 10.55
N THR A 213 -10.56 -24.36 10.37
CA THR A 213 -9.25 -24.54 10.95
C THR A 213 -9.13 -23.91 12.34
N SER A 214 -10.26 -23.63 12.98
CA SER A 214 -10.25 -23.48 14.44
C SER A 214 -11.25 -24.42 15.10
N GLY A 215 -11.46 -25.59 14.46
CA GLY A 215 -12.37 -26.59 14.98
C GLY A 215 -11.76 -27.50 16.04
N GLN A 216 -10.62 -27.08 16.59
CA GLN A 216 -9.90 -27.79 17.66
C GLN A 216 -9.67 -29.30 17.50
N ILE A 217 -8.43 -29.70 17.76
CA ILE A 217 -7.93 -31.02 17.45
C ILE A 217 -8.48 -32.13 18.33
N VAL A 218 -8.96 -33.20 17.71
CA VAL A 218 -9.36 -34.40 18.45
C VAL A 218 -8.17 -35.33 18.60
N ALA A 219 -7.43 -35.46 17.50
CA ALA A 219 -6.20 -36.24 17.43
C ALA A 219 -5.57 -35.92 16.09
N THR A 220 -4.60 -36.72 15.68
CA THR A 220 -3.97 -36.56 14.39
C THR A 220 -3.87 -37.89 13.65
N TYR A 221 -3.79 -37.82 12.33
CA TYR A 221 -3.36 -38.97 11.52
C TYR A 221 -1.92 -38.73 11.05
N LYS A 222 -1.05 -39.73 11.20
CA LYS A 222 0.35 -39.56 10.85
C LYS A 222 0.64 -40.04 9.43
N ARG A 223 1.84 -39.71 8.95
CA ARG A 223 2.33 -40.15 7.65
C ARG A 223 2.15 -41.66 7.48
N GLY A 224 1.70 -42.08 6.31
CA GLY A 224 1.52 -43.49 6.01
C GLY A 224 0.20 -44.08 6.44
N GLU A 225 -0.37 -43.55 7.52
CA GLU A 225 -1.64 -44.05 8.04
C GLU A 225 -2.80 -43.89 7.07
N SER A 226 -3.79 -44.75 7.24
CA SER A 226 -4.93 -44.77 6.34
C SER A 226 -6.22 -44.73 7.14
N PHE A 227 -7.24 -44.11 6.59
CA PHE A 227 -8.52 -44.08 7.27
C PHE A 227 -9.62 -43.92 6.25
N ASP A 228 -10.81 -44.36 6.62
CA ASP A 228 -11.94 -44.32 5.71
C ASP A 228 -12.79 -43.07 5.95
N TYR A 229 -13.46 -42.61 4.90
CA TYR A 229 -14.34 -41.46 5.02
C TYR A 229 -15.56 -41.71 4.14
N ASP A 230 -16.62 -40.92 4.30
CA ASP A 230 -17.84 -41.15 3.54
C ASP A 230 -18.34 -39.89 2.87
N THR A 231 -17.66 -38.78 3.12
CA THR A 231 -18.11 -37.49 2.63
C THR A 231 -16.93 -36.62 2.22
N VAL A 232 -17.11 -35.86 1.14
CA VAL A 232 -16.10 -34.89 0.70
C VAL A 232 -16.70 -33.49 0.74
N ILE A 233 -15.94 -32.53 1.26
CA ILE A 233 -16.37 -31.14 1.31
C ILE A 233 -15.33 -30.26 0.63
N ILE A 234 -15.72 -29.54 -0.41
CA ILE A 234 -14.74 -28.73 -1.12
C ILE A 234 -15.02 -27.25 -0.91
N ASP A 235 -14.24 -26.61 -0.04
CA ASP A 235 -14.36 -25.16 0.11
C ASP A 235 -14.06 -24.52 -1.24
N THR A 236 -14.83 -23.50 -1.60
CA THR A 236 -14.53 -22.73 -2.81
C THR A 236 -13.12 -22.15 -2.65
N ASN A 237 -12.85 -21.57 -1.48
CA ASN A 237 -11.51 -21.08 -1.17
C ASN A 237 -11.15 -21.45 0.27
N GLY A 238 -10.36 -22.50 0.41
CA GLY A 238 -10.08 -23.06 1.73
C GLY A 238 -9.42 -24.41 1.58
N TYR A 239 -10.09 -25.47 2.01
CA TYR A 239 -9.54 -26.83 1.94
C TYR A 239 -10.49 -27.81 1.30
N VAL A 240 -9.94 -28.92 0.80
CA VAL A 240 -10.73 -30.14 0.58
C VAL A 240 -10.74 -30.90 1.88
N TRP A 241 -11.93 -31.12 2.44
CA TRP A 241 -12.08 -31.90 3.66
C TRP A 241 -12.62 -33.28 3.33
N VAL A 242 -12.16 -34.30 4.03
CA VAL A 242 -12.91 -35.54 4.08
C VAL A 242 -13.50 -35.70 5.46
N SER A 243 -14.58 -36.46 5.55
CA SER A 243 -15.34 -36.54 6.79
C SER A 243 -15.93 -37.92 7.00
N TYR A 244 -16.06 -38.32 8.26
CA TYR A 244 -16.68 -39.57 8.62
C TYR A 244 -17.32 -39.42 10.00
N ILE A 245 -18.15 -40.39 10.38
CA ILE A 245 -18.71 -40.42 11.72
C ILE A 245 -17.74 -41.17 12.64
N GLY A 246 -17.28 -40.50 13.67
CA GLY A 246 -16.25 -41.03 14.52
C GLY A 246 -16.79 -42.01 15.54
N SER A 247 -15.86 -42.66 16.24
CA SER A 247 -16.17 -43.63 17.29
C SER A 247 -17.27 -43.17 18.27
N SER A 248 -17.24 -41.90 18.65
CA SER A 248 -18.16 -41.41 19.67
C SER A 248 -19.47 -40.89 19.07
N GLY A 249 -19.70 -41.16 17.78
CA GLY A 249 -20.96 -40.83 17.13
C GLY A 249 -20.99 -39.46 16.48
N ILE A 250 -19.91 -38.71 16.67
CA ILE A 250 -19.82 -37.35 16.19
C ILE A 250 -19.06 -37.31 14.86
N ARG A 251 -19.51 -36.48 13.94
CA ARG A 251 -18.84 -36.38 12.63
C ARG A 251 -17.47 -35.69 12.79
N ASN A 252 -16.46 -36.23 12.14
CA ASN A 252 -15.11 -35.67 12.17
C ASN A 252 -14.67 -35.22 10.78
N TYR A 253 -13.69 -34.32 10.73
CA TYR A 253 -13.28 -33.69 9.46
C TYR A 253 -11.77 -33.62 9.38
N VAL A 254 -11.22 -33.95 8.21
CA VAL A 254 -9.77 -33.91 8.06
C VAL A 254 -9.42 -33.07 6.83
N ALA A 255 -8.57 -32.05 6.97
CA ALA A 255 -8.18 -31.24 5.81
C ALA A 255 -7.18 -32.03 4.96
N THR A 256 -7.18 -31.83 3.64
CA THR A 256 -6.35 -32.64 2.74
C THR A 256 -5.66 -31.82 1.67
N GLY A 257 -5.66 -30.50 1.83
CA GLY A 257 -4.93 -29.61 0.92
C GLY A 257 -5.79 -28.43 0.52
N ALA A 258 -5.14 -27.38 0.01
CA ALA A 258 -5.79 -26.12 -0.28
C ALA A 258 -6.69 -26.15 -1.49
N THR A 259 -7.69 -25.27 -1.50
CA THR A 259 -8.51 -25.02 -2.68
C THR A 259 -8.56 -23.54 -3.02
N LYS A 260 -8.68 -23.24 -4.31
CA LYS A 260 -8.93 -21.86 -4.74
C LYS A 260 -9.91 -21.88 -5.90
N ASP A 261 -10.94 -21.05 -5.86
CA ASP A 261 -11.95 -21.03 -6.92
C ASP A 261 -12.53 -22.41 -7.18
N GLY A 262 -12.63 -23.23 -6.14
CA GLY A 262 -13.36 -24.49 -6.26
C GLY A 262 -12.55 -25.68 -6.70
N LYS A 263 -11.26 -25.46 -6.93
CA LYS A 263 -10.36 -26.52 -7.36
C LYS A 263 -9.20 -26.63 -6.41
N ARG A 264 -8.53 -27.79 -6.41
CA ARG A 264 -7.32 -27.97 -5.61
C ARG A 264 -6.28 -26.96 -6.07
N TYR A 265 -5.55 -26.39 -5.11
CA TYR A 265 -4.59 -25.32 -5.40
C TYR A 265 -3.32 -25.64 -4.67
N GLY A 266 -2.60 -26.64 -5.18
CA GLY A 266 -1.50 -27.25 -4.48
C GLY A 266 -1.76 -28.74 -4.38
N ASP A 267 -0.73 -29.52 -4.05
CA ASP A 267 -0.85 -30.97 -3.97
C ASP A 267 -1.73 -31.39 -2.80
N ALA A 268 -2.36 -32.55 -2.93
CA ALA A 268 -3.14 -33.10 -1.83
C ALA A 268 -2.20 -33.59 -0.75
N TRP A 269 -2.71 -33.71 0.47
CA TRP A 269 -1.91 -34.17 1.58
C TRP A 269 -1.96 -35.70 1.77
N GLY A 270 -2.50 -36.39 0.79
CA GLY A 270 -2.48 -37.85 0.77
C GLY A 270 -2.97 -38.41 -0.55
N THR A 271 -3.02 -39.74 -0.66
CA THR A 271 -3.59 -40.36 -1.85
C THR A 271 -4.93 -40.99 -1.53
N PHE A 272 -5.75 -41.15 -2.55
CA PHE A 272 -7.11 -41.62 -2.38
C PHE A 272 -7.42 -42.82 -3.30
N LYS A 273 -8.26 -43.73 -2.81
CA LYS A 273 -8.74 -44.86 -3.61
C LYS A 273 -10.02 -45.43 -3.02
N THR B 30 10.72 26.66 -11.85
CA THR B 30 10.44 25.30 -11.38
C THR B 30 9.56 24.57 -12.39
N THR B 31 10.00 23.41 -12.86
CA THR B 31 9.23 22.67 -13.86
C THR B 31 8.16 21.79 -13.23
N VAL B 32 7.25 21.32 -14.06
CA VAL B 32 6.21 20.43 -13.59
C VAL B 32 6.83 19.20 -12.94
N ASN B 33 7.85 18.64 -13.57
CA ASN B 33 8.53 17.48 -12.97
C ASN B 33 9.15 17.82 -11.61
N GLU B 34 9.68 19.02 -11.47
CA GLU B 34 10.25 19.40 -10.18
C GLU B 34 9.16 19.52 -9.14
N ALA B 35 8.04 20.15 -9.51
CA ALA B 35 6.94 20.32 -8.56
C ALA B 35 6.39 18.95 -8.14
N LEU B 36 6.20 18.06 -9.11
CA LEU B 36 5.80 16.69 -8.79
C LEU B 36 6.80 16.01 -7.86
N ASN B 37 8.09 16.20 -8.08
CA ASN B 37 9.10 15.65 -7.16
C ASN B 37 8.95 16.23 -5.74
N ASN B 38 8.56 17.49 -5.64
CA ASN B 38 8.30 18.08 -4.34
C ASN B 38 7.14 17.36 -3.68
N VAL B 39 6.12 17.03 -4.45
CA VAL B 39 4.95 16.38 -3.87
C VAL B 39 5.29 14.94 -3.53
N ARG B 40 6.03 14.27 -4.41
CA ARG B 40 6.46 12.90 -4.13
C ARG B 40 7.22 12.82 -2.80
N ALA B 41 7.99 13.85 -2.48
CA ALA B 41 8.83 13.82 -1.28
C ALA B 41 8.00 13.98 0.00
N GLN B 42 6.70 14.24 -0.16
CA GLN B 42 5.77 14.29 0.98
C GLN B 42 5.29 12.92 1.40
N VAL B 43 5.34 11.96 0.48
CA VAL B 43 4.74 10.65 0.70
C VAL B 43 5.48 9.93 1.82
N GLY B 44 4.72 9.42 2.79
CA GLY B 44 5.26 8.71 3.93
C GLY B 44 5.67 9.60 5.10
N SER B 45 5.44 10.90 5.01
CA SER B 45 5.80 11.79 6.10
C SER B 45 4.75 11.70 7.21
N GLY B 46 3.52 11.43 6.84
CA GLY B 46 2.43 11.35 7.79
C GLY B 46 2.08 12.71 8.40
N VAL B 47 2.57 13.78 7.79
CA VAL B 47 2.28 15.12 8.31
C VAL B 47 1.46 15.89 7.27
N SER B 48 0.38 16.53 7.71
CA SER B 48 -0.52 17.25 6.81
C SER B 48 0.15 18.43 6.14
N VAL B 49 -0.04 18.57 4.83
CA VAL B 49 0.33 19.81 4.16
C VAL B 49 -0.81 20.80 4.36
N GLY B 50 -0.49 22.06 4.66
CA GLY B 50 -1.52 23.04 4.92
C GLY B 50 -2.39 22.60 6.08
N ASN B 51 -3.71 22.82 5.96
CA ASN B 51 -4.66 22.45 7.01
C ASN B 51 -5.07 20.98 6.94
N GLY B 52 -4.45 20.23 6.04
CA GLY B 52 -4.77 18.82 5.90
C GLY B 52 -5.90 18.49 4.94
N GLU B 53 -6.54 19.51 4.37
CA GLU B 53 -7.61 19.28 3.39
C GLU B 53 -7.02 18.89 2.03
N CYS B 54 -7.81 18.23 1.19
CA CYS B 54 -7.33 17.80 -0.12
C CYS B 54 -6.80 18.96 -0.94
N TYR B 55 -7.43 20.11 -0.81
CA TYR B 55 -7.07 21.23 -1.67
C TYR B 55 -5.79 21.90 -1.21
N ALA B 56 -5.37 21.66 0.04
CA ALA B 56 -4.09 22.22 0.47
C ALA B 56 -2.94 21.62 -0.36
N LEU B 57 -3.01 20.32 -0.61
CA LEU B 57 -1.96 19.69 -1.41
C LEU B 57 -1.95 20.28 -2.83
N ALA B 58 -3.13 20.39 -3.42
CA ALA B 58 -3.29 21.01 -4.75
C ALA B 58 -2.84 22.49 -4.83
N SER B 59 -3.20 23.31 -3.83
CA SER B 59 -2.80 24.71 -3.83
C SER B 59 -1.28 24.87 -3.75
N TRP B 60 -0.66 24.06 -2.91
CA TRP B 60 0.80 24.07 -2.73
C TRP B 60 1.47 23.76 -4.05
N TYR B 61 1.05 22.65 -4.64
CA TYR B 61 1.57 22.23 -5.95
C TYR B 61 1.38 23.32 -7.02
N GLU B 62 0.17 23.87 -7.11
CA GLU B 62 -0.11 24.91 -8.08
C GLU B 62 0.80 26.13 -7.89
N ARG B 63 1.01 26.53 -6.63
CA ARG B 63 1.86 27.67 -6.33
C ARG B 63 3.29 27.42 -6.81
N MET B 64 3.72 26.17 -6.72
CA MET B 64 5.08 25.84 -7.12
C MET B 64 5.25 25.99 -8.64
N ILE B 65 4.21 25.68 -9.39
CA ILE B 65 4.25 25.77 -10.84
C ILE B 65 4.02 27.20 -11.31
N SER B 66 3.21 27.96 -10.57
CA SER B 66 2.88 29.33 -10.96
C SER B 66 3.09 30.33 -9.83
N PRO B 67 4.33 30.48 -9.35
CA PRO B 67 4.52 31.23 -8.10
C PRO B 67 4.32 32.74 -8.22
N ASP B 68 4.40 33.29 -9.43
CA ASP B 68 4.22 34.73 -9.59
C ASP B 68 2.77 35.08 -9.94
N ALA B 69 1.90 34.09 -9.84
CA ALA B 69 0.49 34.30 -10.13
C ALA B 69 -0.14 35.26 -9.15
N THR B 70 -0.95 36.19 -9.66
CA THR B 70 -1.71 37.09 -8.79
C THR B 70 -3.18 36.69 -8.75
N VAL B 71 -3.59 35.79 -9.65
CA VAL B 71 -4.92 35.19 -9.53
C VAL B 71 -4.80 33.67 -9.64
N GLY B 72 -5.82 32.97 -9.16
CA GLY B 72 -5.81 31.53 -9.20
C GLY B 72 -5.90 30.82 -7.86
N LEU B 73 -5.80 29.50 -7.91
CA LEU B 73 -5.92 28.65 -6.73
C LEU B 73 -4.87 28.98 -5.67
N GLY B 74 -3.61 28.96 -6.07
CA GLY B 74 -2.52 29.28 -5.17
C GLY B 74 -2.54 30.72 -4.71
N ALA B 75 -3.08 31.61 -5.53
CA ALA B 75 -3.14 33.02 -5.14
C ALA B 75 -4.33 33.28 -4.21
N GLY B 76 -5.28 32.35 -4.15
CA GLY B 76 -6.47 32.54 -3.36
C GLY B 76 -7.42 33.58 -3.94
N VAL B 77 -7.40 33.75 -5.26
CA VAL B 77 -8.25 34.74 -5.91
C VAL B 77 -9.04 34.08 -7.07
N GLY B 78 -10.36 34.11 -6.98
CA GLY B 78 -11.24 33.54 -7.99
C GLY B 78 -11.82 34.61 -8.92
N TRP B 79 -12.66 34.20 -9.88
CA TRP B 79 -13.27 35.13 -10.83
C TRP B 79 -14.78 35.01 -10.72
N VAL B 80 -15.26 34.24 -9.75
CA VAL B 80 -16.69 34.20 -9.49
C VAL B 80 -17.08 35.26 -8.46
N SER B 81 -18.37 35.35 -8.17
CA SER B 81 -18.93 36.42 -7.36
C SER B 81 -18.55 36.26 -5.90
N GLY B 82 -18.55 37.37 -5.17
CA GLY B 82 -18.44 37.33 -3.72
C GLY B 82 -17.05 37.22 -3.12
N ALA B 83 -16.01 37.38 -3.95
CA ALA B 83 -14.62 37.29 -3.49
C ALA B 83 -14.36 35.99 -2.73
N THR B 84 -14.72 34.87 -3.34
CA THR B 84 -14.68 33.58 -2.68
C THR B 84 -13.40 32.83 -3.03
N GLY B 85 -12.40 33.56 -3.50
CA GLY B 85 -11.11 32.99 -3.87
C GLY B 85 -10.46 32.06 -2.85
N ASP B 86 -10.69 32.32 -1.57
CA ASP B 86 -10.01 31.55 -0.52
C ASP B 86 -10.96 30.56 0.16
N THR B 87 -12.14 30.31 -0.43
CA THR B 87 -13.14 29.48 0.21
C THR B 87 -13.83 28.49 -0.75
N ILE B 88 -13.40 28.46 -1.99
CA ILE B 88 -14.03 27.61 -3.00
C ILE B 88 -13.90 26.10 -2.69
N SER B 89 -14.98 25.34 -2.90
CA SER B 89 -14.97 23.90 -2.70
C SER B 89 -14.14 23.14 -3.74
N ALA B 90 -13.62 21.97 -3.35
CA ALA B 90 -12.77 21.16 -4.24
C ALA B 90 -13.43 20.82 -5.57
N LYS B 91 -14.71 20.44 -5.53
CA LYS B 91 -15.43 20.06 -6.73
C LYS B 91 -15.59 21.19 -7.74
N ASN B 92 -15.43 22.43 -7.28
CA ASN B 92 -15.55 23.61 -8.15
C ASN B 92 -14.24 24.30 -8.49
N ILE B 93 -13.13 23.68 -8.12
CA ILE B 93 -11.80 24.25 -8.37
C ILE B 93 -11.53 24.49 -9.88
N GLY B 94 -12.05 23.62 -10.74
CA GLY B 94 -11.86 23.80 -12.17
C GLY B 94 -12.66 24.97 -12.74
N SER B 95 -13.74 25.34 -12.08
CA SER B 95 -14.63 26.34 -12.66
C SER B 95 -14.53 27.70 -11.95
N SER B 96 -13.92 27.75 -10.77
CA SER B 96 -13.99 28.98 -9.97
C SER B 96 -12.71 29.80 -10.04
N TYR B 97 -11.70 29.29 -10.75
CA TYR B 97 -10.47 30.03 -10.91
C TYR B 97 -10.11 30.26 -12.36
N ASN B 98 -9.47 31.40 -12.61
CA ASN B 98 -9.00 31.77 -13.95
C ASN B 98 -7.70 31.03 -14.28
N TRP B 99 -7.81 29.74 -14.58
CA TRP B 99 -6.64 28.93 -14.86
C TRP B 99 -5.82 29.38 -16.07
N GLN B 100 -6.48 29.86 -17.12
CA GLN B 100 -5.74 30.26 -18.32
C GLN B 100 -4.87 31.50 -18.09
N ALA B 101 -5.18 32.27 -17.04
CA ALA B 101 -4.38 33.45 -16.70
C ALA B 101 -2.94 33.07 -16.39
N ASN B 102 -2.74 31.83 -15.97
CA ASN B 102 -1.42 31.29 -15.64
C ASN B 102 -0.96 30.19 -16.57
N GLY B 103 -1.62 30.07 -17.73
CA GLY B 103 -1.20 29.12 -18.73
C GLY B 103 -1.69 27.70 -18.54
N TRP B 104 -2.51 27.45 -17.52
CA TRP B 104 -3.12 26.12 -17.39
C TRP B 104 -4.30 26.03 -18.34
N THR B 105 -4.73 24.82 -18.65
CA THR B 105 -5.92 24.62 -19.48
C THR B 105 -6.89 23.69 -18.75
N VAL B 106 -8.18 23.89 -18.95
CA VAL B 106 -9.19 23.13 -18.26
C VAL B 106 -10.10 22.38 -19.24
N SER B 107 -10.41 21.12 -18.94
CA SER B 107 -11.32 20.34 -19.80
C SER B 107 -12.16 19.38 -18.98
N THR B 108 -13.30 18.96 -19.52
CA THR B 108 -14.13 17.97 -18.87
C THR B 108 -13.80 16.58 -19.38
N SER B 109 -12.88 16.49 -20.35
CA SER B 109 -12.46 15.23 -20.92
C SER B 109 -10.98 14.99 -20.71
N GLY B 110 -10.57 13.73 -20.76
CA GLY B 110 -9.16 13.39 -20.67
C GLY B 110 -8.43 13.49 -21.99
N PRO B 111 -7.36 12.69 -22.15
CA PRO B 111 -6.92 11.67 -21.19
C PRO B 111 -6.25 12.26 -19.94
N PHE B 112 -6.07 11.44 -18.92
CA PHE B 112 -5.23 11.80 -17.78
C PHE B 112 -3.80 12.04 -18.27
N GLN B 113 -3.11 13.00 -17.65
CA GLN B 113 -1.71 13.25 -17.93
C GLN B 113 -0.95 13.49 -16.65
N ALA B 114 0.29 13.01 -16.56
CA ALA B 114 1.15 13.40 -15.44
C ALA B 114 1.20 14.92 -15.28
N GLY B 115 0.97 15.40 -14.07
CA GLY B 115 1.07 16.82 -13.78
C GLY B 115 -0.26 17.52 -13.62
N GLN B 116 -1.32 16.89 -14.09
CA GLN B 116 -2.66 17.44 -13.94
C GLN B 116 -3.13 17.53 -12.50
N ILE B 117 -3.89 18.58 -12.23
CA ILE B 117 -4.77 18.59 -11.06
C ILE B 117 -6.10 18.07 -11.55
N VAL B 118 -6.69 17.14 -10.80
CA VAL B 118 -7.98 16.57 -11.19
C VAL B 118 -9.00 16.75 -10.07
N THR B 119 -10.19 17.27 -10.38
CA THR B 119 -11.24 17.42 -9.38
C THR B 119 -12.28 16.33 -9.49
N LEU B 120 -12.83 15.90 -8.35
CA LEU B 120 -13.81 14.82 -8.31
C LEU B 120 -15.12 15.34 -7.73
N GLY B 121 -16.23 14.81 -8.21
CA GLY B 121 -17.53 15.32 -7.83
C GLY B 121 -17.94 15.02 -6.41
N ALA B 122 -19.02 15.66 -5.98
CA ALA B 122 -19.59 15.37 -4.68
C ALA B 122 -20.14 13.95 -4.66
N THR B 123 -20.04 13.32 -3.50
CA THR B 123 -20.71 12.04 -3.27
C THR B 123 -21.55 12.12 -1.99
N SER B 124 -22.50 11.20 -1.85
CA SER B 124 -23.21 11.06 -0.59
C SER B 124 -22.22 10.54 0.46
N GLY B 125 -21.51 11.47 1.08
CA GLY B 125 -20.41 11.14 1.97
C GLY B 125 -19.52 12.36 2.09
N ASN B 126 -19.30 13.02 0.95
CA ASN B 126 -18.62 14.31 0.93
C ASN B 126 -19.21 15.22 -0.15
N PRO B 127 -19.87 16.30 0.28
CA PRO B 127 -20.54 17.27 -0.60
C PRO B 127 -19.56 18.16 -1.35
N TYR B 128 -18.39 18.38 -0.77
CA TYR B 128 -17.44 19.35 -1.30
C TYR B 128 -16.57 18.77 -2.41
N GLY B 129 -16.64 17.45 -2.56
CA GLY B 129 -15.87 16.75 -3.56
C GLY B 129 -14.45 16.48 -3.11
N HIS B 130 -13.55 16.28 -4.08
CA HIS B 130 -12.18 15.90 -3.79
C HIS B 130 -11.26 16.49 -4.87
N VAL B 131 -9.97 16.65 -4.59
CA VAL B 131 -9.06 17.12 -5.63
C VAL B 131 -7.71 16.42 -5.46
N VAL B 132 -7.09 16.04 -6.58
CA VAL B 132 -5.91 15.21 -6.57
C VAL B 132 -4.90 15.69 -7.60
N ILE B 133 -3.70 15.13 -7.54
CA ILE B 133 -2.65 15.38 -8.53
C ILE B 133 -2.30 14.09 -9.26
N VAL B 134 -2.23 14.13 -10.58
CA VAL B 134 -1.83 12.95 -11.34
C VAL B 134 -0.31 12.87 -11.40
N GLU B 135 0.25 11.83 -10.80
CA GLU B 135 1.70 11.64 -10.82
C GLU B 135 2.15 10.93 -12.09
N ALA B 136 1.37 9.98 -12.54
CA ALA B 136 1.79 9.18 -13.70
C ALA B 136 0.61 8.47 -14.32
N VAL B 137 0.75 8.16 -15.60
CA VAL B 137 -0.24 7.37 -16.28
C VAL B 137 0.49 6.25 -17.01
N ASP B 138 0.06 5.03 -16.78
CA ASP B 138 0.69 3.85 -17.38
C ASP B 138 -0.41 2.91 -17.82
N GLY B 139 -0.71 2.89 -19.11
CA GLY B 139 -1.87 2.17 -19.61
C GLY B 139 -3.15 2.65 -18.94
N ASP B 140 -3.85 1.74 -18.27
CA ASP B 140 -5.07 2.07 -17.54
C ASP B 140 -4.77 2.48 -16.10
N ARG B 141 -3.51 2.36 -15.71
CA ARG B 141 -3.17 2.62 -14.31
C ARG B 141 -2.84 4.09 -14.03
N LEU B 142 -3.62 4.71 -13.16
CA LEU B 142 -3.32 6.05 -12.66
C LEU B 142 -2.52 5.99 -11.36
N THR B 143 -1.41 6.72 -11.30
CA THR B 143 -0.73 6.96 -10.04
C THR B 143 -1.14 8.35 -9.53
N ILE B 144 -1.84 8.37 -8.41
CA ILE B 144 -2.47 9.59 -7.91
C ILE B 144 -1.83 10.02 -6.60
N LEU B 145 -1.54 11.32 -6.45
CA LEU B 145 -1.07 11.87 -5.17
C LEU B 145 -2.20 12.68 -4.57
N GLU B 146 -2.50 12.44 -3.29
CA GLU B 146 -3.68 13.05 -2.71
C GLU B 146 -3.55 13.15 -1.19
N GLN B 147 -4.31 14.08 -0.62
CA GLN B 147 -4.41 14.26 0.82
C GLN B 147 -5.87 14.23 1.28
N ASN B 148 -6.10 13.61 2.44
CA ASN B 148 -7.43 13.53 3.05
C ASN B 148 -8.37 12.71 2.19
N TYR B 149 -7.80 11.69 1.58
CA TYR B 149 -8.58 10.62 0.98
C TYR B 149 -8.83 9.56 2.04
N GLY B 150 -10.11 9.28 2.29
CA GLY B 150 -10.62 8.63 3.50
C GLY B 150 -9.79 7.57 4.19
N GLY B 151 -9.25 7.90 5.37
CA GLY B 151 -9.35 9.23 5.94
C GLY B 151 -7.97 9.67 6.44
N LYS B 152 -6.98 9.50 5.59
CA LYS B 152 -5.60 9.84 5.93
C LYS B 152 -5.38 11.32 5.63
N ARG B 153 -5.22 12.13 6.67
CA ARG B 153 -5.06 13.57 6.49
C ARG B 153 -3.63 13.97 6.17
N TYR B 154 -2.95 13.20 5.34
CA TYR B 154 -1.59 13.51 4.94
C TYR B 154 -1.38 13.02 3.50
N PRO B 155 -0.34 13.51 2.82
CA PRO B 155 -0.16 13.09 1.42
C PRO B 155 0.11 11.61 1.26
N THR B 156 -0.59 11.00 0.32
CA THR B 156 -0.31 9.61 0.00
C THR B 156 -0.37 9.36 -1.51
N ARG B 157 0.15 8.21 -1.90
CA ARG B 157 0.12 7.78 -3.29
C ARG B 157 -0.86 6.62 -3.37
N ASN B 158 -1.76 6.66 -4.35
CA ASN B 158 -2.70 5.57 -4.58
C ASN B 158 -2.81 5.27 -6.07
N TYR B 159 -3.19 4.04 -6.39
CA TYR B 159 -3.35 3.62 -7.79
C TYR B 159 -4.81 3.34 -8.12
N TYR B 160 -5.28 3.89 -9.23
CA TYR B 160 -6.68 3.75 -9.64
C TYR B 160 -6.77 3.31 -11.08
N SER B 161 -7.92 2.78 -11.45
CA SER B 161 -8.17 2.49 -12.85
C SER B 161 -8.76 3.73 -13.53
N ALA B 162 -8.10 4.17 -14.60
CA ALA B 162 -8.55 5.32 -15.37
C ALA B 162 -10.00 5.13 -15.82
N ALA B 163 -10.30 3.93 -16.31
CA ALA B 163 -11.64 3.57 -16.80
C ALA B 163 -12.70 3.80 -15.74
N SER B 164 -12.35 3.53 -14.49
CA SER B 164 -13.26 3.78 -13.39
C SER B 164 -13.17 5.21 -12.87
N TYR B 165 -11.94 5.73 -12.77
CA TYR B 165 -11.71 7.01 -12.10
C TYR B 165 -12.38 8.14 -12.88
N ARG B 166 -12.29 8.07 -14.20
CA ARG B 166 -12.84 9.12 -15.06
C ARG B 166 -14.32 9.35 -14.84
N GLN B 167 -15.01 8.38 -14.26
CA GLN B 167 -16.45 8.49 -14.07
C GLN B 167 -16.86 9.44 -12.94
N GLN B 168 -15.89 9.84 -12.11
CA GLN B 168 -16.18 10.80 -11.04
C GLN B 168 -15.53 12.16 -11.29
N VAL B 169 -14.71 12.25 -12.33
CA VAL B 169 -13.97 13.49 -12.60
C VAL B 169 -14.88 14.64 -13.07
N VAL B 170 -14.72 15.82 -12.46
CA VAL B 170 -15.38 17.02 -12.94
C VAL B 170 -14.46 17.65 -13.99
N HIS B 171 -13.29 18.10 -13.54
CA HIS B 171 -12.33 18.69 -14.48
C HIS B 171 -10.95 18.07 -14.46
N TYR B 172 -10.33 18.07 -15.63
CA TYR B 172 -8.90 17.85 -15.77
C TYR B 172 -8.23 19.21 -15.98
N ILE B 173 -7.23 19.50 -15.17
CA ILE B 173 -6.60 20.82 -15.18
C ILE B 173 -5.13 20.63 -15.46
N THR B 174 -4.70 21.08 -16.64
CA THR B 174 -3.39 20.73 -17.17
C THR B 174 -2.44 21.90 -17.10
N PRO B 175 -1.27 21.69 -16.48
CA PRO B 175 -0.33 22.81 -16.32
C PRO B 175 0.34 23.19 -17.64
N PRO B 176 0.89 24.41 -17.70
CA PRO B 176 1.64 24.80 -18.89
C PRO B 176 2.85 23.91 -19.13
N GLY B 177 3.31 23.80 -20.37
CA GLY B 177 4.49 23.00 -20.68
C GLY B 177 5.65 23.77 -21.27
N GLY B 188 11.70 32.48 -4.92
CA GLY B 188 13.08 32.07 -4.70
C GLY B 188 13.22 31.32 -3.39
N ALA B 189 14.03 31.90 -2.49
CA ALA B 189 14.30 31.35 -1.15
C ALA B 189 14.93 32.39 -0.21
N ARG B 190 14.43 32.46 1.02
CA ARG B 190 14.99 33.33 2.05
C ARG B 190 15.95 32.50 2.90
N THR B 191 17.20 32.94 3.00
CA THR B 191 18.19 32.18 3.74
C THR B 191 18.86 33.04 4.82
N TYR B 192 19.09 32.45 5.99
CA TYR B 192 19.79 33.16 7.05
C TYR B 192 20.53 32.22 7.98
N ARG B 193 21.45 32.78 8.74
CA ARG B 193 22.21 32.01 9.71
C ARG B 193 21.40 31.78 10.96
N GLU B 194 21.41 30.56 11.44
CA GLU B 194 20.76 30.25 12.70
C GLU B 194 21.38 28.99 13.25
N THR B 195 22.06 29.13 14.37
CA THR B 195 22.64 27.98 15.03
C THR B 195 21.57 27.33 15.89
N GLY B 196 21.15 26.14 15.50
CA GLY B 196 20.11 25.44 16.23
C GLY B 196 20.25 23.95 16.16
N THR B 197 19.33 23.27 16.82
CA THR B 197 19.33 21.82 16.85
C THR B 197 17.94 21.32 16.47
N MET B 198 17.87 20.46 15.48
CA MET B 198 16.59 19.86 15.09
C MET B 198 16.45 18.45 15.65
N SER B 199 15.31 18.18 16.28
CA SER B 199 14.98 16.82 16.69
C SER B 199 13.88 16.26 15.79
N VAL B 200 14.20 15.18 15.08
CA VAL B 200 13.32 14.63 14.07
C VAL B 200 12.11 13.96 14.70
N THR B 201 10.92 14.23 14.17
CA THR B 201 9.69 13.66 14.73
C THR B 201 8.83 12.93 13.70
N VAL B 202 9.37 12.75 12.50
CA VAL B 202 8.78 11.85 11.51
C VAL B 202 9.64 10.60 11.43
N ASP B 203 9.18 9.60 10.68
CA ASP B 203 9.88 8.33 10.58
CA ASP B 203 9.87 8.33 10.56
C ASP B 203 11.32 8.49 10.09
N ALA B 204 11.50 9.23 9.00
CA ALA B 204 12.83 9.44 8.44
C ALA B 204 12.85 10.63 7.47
N ILE B 205 13.93 11.40 7.50
CA ILE B 205 14.13 12.47 6.53
C ILE B 205 15.45 12.25 5.78
N ASN B 206 15.45 12.50 4.48
CA ASN B 206 16.66 12.37 3.69
C ASN B 206 17.66 13.48 3.95
N ILE B 207 18.94 13.12 3.99
CA ILE B 207 20.01 14.10 4.00
C ILE B 207 20.53 14.26 2.57
N ARG B 208 20.50 15.47 2.05
CA ARG B 208 20.85 15.69 0.65
C ARG B 208 22.05 16.63 0.50
N ARG B 209 22.66 16.60 -0.68
CA ARG B 209 23.81 17.45 -0.97
C ARG B 209 23.39 18.81 -1.54
N ALA B 210 22.11 18.95 -1.85
CA ALA B 210 21.57 20.23 -2.26
C ALA B 210 20.16 20.39 -1.71
N PRO B 211 19.74 21.64 -1.44
CA PRO B 211 18.39 21.87 -0.89
C PRO B 211 17.28 21.82 -1.95
N ASN B 212 17.15 20.65 -2.59
CA ASN B 212 16.02 20.39 -3.48
C ASN B 212 15.75 18.89 -3.51
N THR B 213 14.58 18.51 -3.99
CA THR B 213 14.14 17.13 -3.86
C THR B 213 14.67 16.22 -4.96
N SER B 214 15.64 16.72 -5.73
CA SER B 214 16.41 15.86 -6.63
C SER B 214 17.87 15.78 -6.19
N GLY B 215 18.22 16.55 -5.15
CA GLY B 215 19.57 16.51 -4.59
C GLY B 215 19.98 15.11 -4.18
N GLN B 216 21.25 14.79 -4.38
CA GLN B 216 21.76 13.45 -4.08
C GLN B 216 21.57 13.07 -2.60
N ILE B 217 20.87 11.97 -2.36
CA ILE B 217 20.67 11.48 -1.00
C ILE B 217 21.94 10.76 -0.51
N VAL B 218 22.36 11.08 0.70
CA VAL B 218 23.60 10.59 1.27
C VAL B 218 23.33 9.69 2.46
N ALA B 219 22.34 10.09 3.25
CA ALA B 219 21.90 9.31 4.40
C ALA B 219 20.53 9.78 4.83
N THR B 220 20.08 9.34 6.00
CA THR B 220 18.82 9.77 6.56
C THR B 220 18.97 10.04 8.06
N TYR B 221 18.09 10.89 8.59
CA TYR B 221 17.92 10.99 10.04
C TYR B 221 16.64 10.29 10.40
N LYS B 222 16.68 9.47 11.45
CA LYS B 222 15.51 8.71 11.86
C LYS B 222 14.77 9.39 13.00
N ARG B 223 13.54 8.97 13.23
CA ARG B 223 12.72 9.48 14.32
C ARG B 223 13.50 9.51 15.63
N GLY B 224 13.50 10.67 16.28
CA GLY B 224 14.12 10.78 17.58
C GLY B 224 15.55 11.31 17.56
N GLU B 225 16.19 11.22 16.40
CA GLU B 225 17.56 11.70 16.29
C GLU B 225 17.62 13.22 16.29
N SER B 226 18.77 13.74 16.67
CA SER B 226 18.97 15.18 16.73
C SER B 226 20.27 15.57 16.06
N PHE B 227 20.29 16.72 15.39
CA PHE B 227 21.50 17.19 14.75
C PHE B 227 21.55 18.71 14.78
N ASP B 228 22.75 19.25 14.76
CA ASP B 228 22.95 20.70 14.75
C ASP B 228 22.90 21.24 13.34
N TYR B 229 22.53 22.50 13.20
CA TYR B 229 22.54 23.17 11.90
C TYR B 229 22.96 24.63 12.09
N ASP B 230 23.40 25.28 11.02
CA ASP B 230 23.84 26.67 11.13
C ASP B 230 23.11 27.60 10.16
N THR B 231 22.25 27.03 9.32
CA THR B 231 21.62 27.82 8.25
C THR B 231 20.20 27.36 7.95
N VAL B 232 19.30 28.31 7.79
CA VAL B 232 17.92 28.03 7.42
C VAL B 232 17.65 28.55 6.03
N ILE B 233 17.02 27.72 5.21
CA ILE B 233 16.63 28.09 3.85
C ILE B 233 15.12 27.92 3.68
N ILE B 234 14.40 29.02 3.51
CA ILE B 234 12.96 28.94 3.31
C ILE B 234 12.62 29.13 1.83
N ASP B 235 12.38 28.03 1.13
CA ASP B 235 11.82 28.09 -0.23
C ASP B 235 10.57 28.96 -0.17
N THR B 236 10.35 29.80 -1.17
CA THR B 236 9.10 30.54 -1.20
C THR B 236 7.89 29.57 -1.30
N ASN B 237 8.03 28.56 -2.15
CA ASN B 237 7.03 27.49 -2.26
C ASN B 237 7.75 26.20 -2.48
N GLY B 238 7.96 25.45 -1.40
CA GLY B 238 8.74 24.23 -1.47
C GLY B 238 8.88 23.70 -0.06
N TYR B 239 10.09 23.75 0.48
CA TYR B 239 10.36 23.29 1.86
C TYR B 239 11.16 24.30 2.69
N VAL B 240 11.09 24.19 4.03
CA VAL B 240 12.13 24.80 4.87
C VAL B 240 13.26 23.80 4.96
N TRP B 241 14.46 24.21 4.56
CA TRP B 241 15.63 23.38 4.72
C TRP B 241 16.49 23.88 5.87
N VAL B 242 17.12 22.96 6.59
CA VAL B 242 18.23 23.34 7.46
C VAL B 242 19.49 22.78 6.85
N SER B 243 20.61 23.43 7.13
CA SER B 243 21.88 23.04 6.53
C SER B 243 23.03 23.08 7.53
N TYR B 244 24.01 22.20 7.33
CA TYR B 244 25.20 22.13 8.19
C TYR B 244 26.36 21.56 7.38
N ILE B 245 27.57 21.64 7.93
CA ILE B 245 28.71 20.95 7.32
C ILE B 245 28.85 19.55 7.92
N GLY B 246 29.00 18.55 7.04
CA GLY B 246 29.08 17.15 7.47
C GLY B 246 30.34 16.81 8.24
N SER B 247 30.64 15.52 8.40
CA SER B 247 31.84 15.10 9.13
C SER B 247 33.17 15.78 8.70
N SER B 248 33.62 15.83 7.43
CA SER B 248 33.35 15.00 6.24
C SER B 248 34.22 15.50 5.08
N GLY B 249 34.14 16.80 4.70
CA GLY B 249 33.34 17.85 5.34
C GLY B 249 32.58 18.72 4.35
N ILE B 250 31.55 18.15 3.73
CA ILE B 250 30.75 18.88 2.74
C ILE B 250 29.43 19.36 3.36
N ARG B 251 28.83 20.40 2.77
CA ARG B 251 27.59 20.94 3.34
C ARG B 251 26.39 20.08 2.97
N ASN B 252 25.58 19.73 3.97
CA ASN B 252 24.36 18.94 3.75
C ASN B 252 23.08 19.71 4.04
N TYR B 253 21.98 19.20 3.50
CA TYR B 253 20.69 19.87 3.57
C TYR B 253 19.59 18.91 3.98
N VAL B 254 18.68 19.36 4.85
CA VAL B 254 17.58 18.53 5.33
C VAL B 254 16.23 19.26 5.22
N ALA B 255 15.29 18.68 4.46
CA ALA B 255 13.94 19.24 4.36
C ALA B 255 13.21 19.10 5.69
N THR B 256 12.44 20.11 6.10
CA THR B 256 11.79 20.03 7.42
C THR B 256 10.29 20.33 7.40
N GLY B 257 9.68 20.29 6.21
CA GLY B 257 8.27 20.57 6.09
C GLY B 257 7.98 21.55 4.96
N ALA B 258 6.73 21.58 4.52
CA ALA B 258 6.34 22.37 3.35
C ALA B 258 6.28 23.87 3.63
N THR B 259 6.59 24.65 2.61
CA THR B 259 6.33 26.09 2.62
C THR B 259 5.40 26.52 1.49
N LYS B 260 4.65 27.58 1.75
CA LYS B 260 3.88 28.24 0.72
C LYS B 260 3.94 29.72 1.05
N ASP B 261 4.18 30.56 0.04
CA ASP B 261 4.20 32.00 0.23
C ASP B 261 5.21 32.42 1.32
N GLY B 262 6.34 31.73 1.36
CA GLY B 262 7.46 32.16 2.19
C GLY B 262 7.36 31.79 3.67
N LYS B 263 6.33 31.03 4.02
CA LYS B 263 6.09 30.59 5.39
C LYS B 263 5.81 29.10 5.41
N ARG B 264 5.90 28.49 6.58
CA ARG B 264 5.55 27.09 6.70
C ARG B 264 4.08 26.90 6.33
N TYR B 265 3.80 25.76 5.69
CA TYR B 265 2.47 25.45 5.21
C TYR B 265 2.13 24.03 5.64
N GLY B 266 1.80 23.86 6.92
CA GLY B 266 1.73 22.56 7.56
C GLY B 266 2.80 22.45 8.64
N ASP B 267 2.65 21.52 9.57
CA ASP B 267 3.60 21.43 10.69
C ASP B 267 4.96 20.95 10.23
N ALA B 268 5.99 21.28 11.01
CA ALA B 268 7.34 20.86 10.69
C ALA B 268 7.52 19.38 10.95
N TRP B 269 8.62 18.84 10.42
CA TRP B 269 8.95 17.43 10.54
C TRP B 269 9.81 17.16 11.78
N GLY B 270 9.91 18.15 12.64
CA GLY B 270 10.64 18.01 13.90
C GLY B 270 10.52 19.24 14.76
N THR B 271 11.15 19.21 15.94
CA THR B 271 11.18 20.37 16.83
C THR B 271 12.59 20.99 16.83
N PHE B 272 12.66 22.28 17.16
CA PHE B 272 13.90 23.04 17.09
C PHE B 272 14.14 23.78 18.42
N LYS B 273 15.41 24.06 18.73
CA LYS B 273 15.77 24.84 19.93
C LYS B 273 17.13 25.50 19.73
#